data_7TXS
#
_entry.id   7TXS
#
_cell.length_a   97.884
_cell.length_b   97.884
_cell.length_c   72.959
_cell.angle_alpha   90.000
_cell.angle_beta   90.000
_cell.angle_gamma   120.000
#
_symmetry.space_group_name_H-M   'H 3'
#
loop_
_entity.id
_entity.type
_entity.pdbx_description
1 polymer VioB
2 non-polymer '[(2R,3S,4R,5R)-5-(6-amino-9H-purin-9-yl)-4-hydroxy-3-(phosphonooxy)oxolan-2-yl]methyl (3R)-4-({3-[(2-{[(1S)-1-{[(2R,3S,4S,5R,6R)-4,5-dihydroxy-6-{[(R)-hydroxy{[(R)-hydroxy{[(2R,3S,5R)-3-hydroxy-5-(5-methyl-2,4-dioxo-3,4-dihydropyrimidin-1(2H)-yl)oxolan-2-yl]methoxy}phosphoryl]oxy}phosphoryl]oxy}-2-methyloxan-3-yl]amino}ethyl]sulfanyl}ethyl)amino]-3-oxopropyl}amino)-3-hydroxy-2,2-dimethyl-4-oxobutyl dihydrogen diphosphate (non-preferred name)'
3 non-polymer 'SODIUM ION'
4 water water
#
_entity_poly.entity_id   1
_entity_poly.type   'polypeptide(L)'
_entity_poly.pdbx_seq_one_letter_code
;MKELIIVGAGGHGNEISWLAKRCGRVVRGFLDNTVEKQGTFIRDIPVLGTLDECSKFTDCDFVIAIGSPRARKKIIEHFF
PEGEFTFATLIDPTATIGENIHIEEGTMICAGGILTVDVKLGKHCIVNTNAVLSHGVILGDYVTVAPNASISGDVSLGNI
VEIGANATIREKVSVQDGAMVGMGSVVIRNILSNQVVVGNPAKLLKVIELEHHHHHH
;
_entity_poly.pdbx_strand_id   A
#
# COMPACT_ATOMS: atom_id res chain seq x y z
N MET A 1 -22.26 -4.61 -0.96
CA MET A 1 -21.24 -3.61 -1.37
C MET A 1 -21.06 -3.67 -2.88
N LYS A 2 -20.43 -2.66 -3.47
CA LYS A 2 -20.09 -2.65 -4.92
C LYS A 2 -19.15 -3.81 -5.22
N GLU A 3 -19.21 -4.32 -6.44
CA GLU A 3 -18.17 -5.24 -6.96
C GLU A 3 -16.87 -4.45 -7.04
N LEU A 4 -15.76 -5.19 -7.05
CA LEU A 4 -14.41 -4.60 -7.00
C LEU A 4 -13.70 -4.86 -8.31
N ILE A 5 -13.05 -3.82 -8.81
CA ILE A 5 -12.04 -3.93 -9.88
C ILE A 5 -10.67 -3.79 -9.23
N ILE A 6 -9.79 -4.74 -9.49
CA ILE A 6 -8.40 -4.72 -8.99
C ILE A 6 -7.51 -4.29 -10.15
N VAL A 7 -6.84 -3.16 -9.98
CA VAL A 7 -5.87 -2.69 -10.99
C VAL A 7 -4.53 -3.34 -10.65
N GLY A 8 -3.98 -4.11 -11.57
CA GLY A 8 -2.75 -4.89 -11.38
C GLY A 8 -3.05 -6.34 -11.16
N ALA A 9 -2.61 -7.17 -12.08
CA ALA A 9 -2.81 -8.63 -12.02
C ALA A 9 -1.45 -9.32 -11.85
N GLY A 10 -0.56 -8.68 -11.12
CA GLY A 10 0.73 -9.29 -10.76
C GLY A 10 0.66 -9.95 -9.38
N GLY A 11 1.82 -10.04 -8.74
CA GLY A 11 1.88 -10.72 -7.46
C GLY A 11 1.02 -10.04 -6.42
N HIS A 12 1.07 -8.73 -6.35
CA HIS A 12 0.24 -8.01 -5.37
C HIS A 12 -1.24 -8.18 -5.74
N GLY A 13 -1.61 -8.03 -7.03
CA GLY A 13 -3.00 -8.24 -7.40
C GLY A 13 -3.51 -9.64 -7.06
N ASN A 14 -2.66 -10.63 -7.23
CA ASN A 14 -2.95 -12.02 -6.81
C ASN A 14 -3.34 -12.00 -5.32
N GLU A 15 -2.46 -11.48 -4.47
CA GLU A 15 -2.74 -11.47 -3.01
C GLU A 15 -3.91 -10.56 -2.67
N ILE A 16 -4.14 -9.47 -3.43
CA ILE A 16 -5.28 -8.58 -3.09
C ILE A 16 -6.60 -9.21 -3.54
N SER A 17 -6.61 -10.03 -4.58
CA SER A 17 -7.84 -10.78 -4.92
C SER A 17 -8.18 -11.76 -3.79
N TRP A 18 -7.16 -12.34 -3.17
CA TRP A 18 -7.32 -13.22 -1.99
C TRP A 18 -7.88 -12.40 -0.83
N LEU A 19 -7.27 -11.26 -0.52
CA LEU A 19 -7.76 -10.36 0.53
C LEU A 19 -9.24 -10.02 0.25
N ALA A 20 -9.58 -9.63 -0.97
CA ALA A 20 -10.95 -9.22 -1.29
C ALA A 20 -11.91 -10.37 -0.99
N LYS A 21 -11.58 -11.58 -1.41
CA LYS A 21 -12.45 -12.75 -1.14
C LYS A 21 -12.60 -12.92 0.38
N ARG A 22 -11.51 -12.83 1.13
CA ARG A 22 -11.58 -12.99 2.60
C ARG A 22 -12.43 -11.90 3.22
N CYS A 23 -12.50 -10.72 2.58
CA CYS A 23 -13.31 -9.56 3.05
C CYS A 23 -14.77 -9.70 2.59
N GLY A 24 -15.13 -10.77 1.88
CA GLY A 24 -16.52 -10.99 1.44
C GLY A 24 -16.87 -10.21 0.18
N ARG A 25 -15.89 -9.67 -0.53
CA ARG A 25 -16.13 -8.83 -1.72
C ARG A 25 -16.20 -9.72 -2.96
N VAL A 26 -17.03 -9.31 -3.90
CA VAL A 26 -17.05 -9.95 -5.24
C VAL A 26 -16.12 -9.13 -6.13
N VAL A 27 -15.14 -9.79 -6.69
CA VAL A 27 -14.17 -9.16 -7.62
C VAL A 27 -14.71 -9.35 -9.05
N ARG A 28 -15.03 -8.24 -9.70
CA ARG A 28 -15.50 -8.29 -11.11
C ARG A 28 -14.35 -8.75 -12.01
N GLY A 29 -13.16 -8.22 -11.77
CA GLY A 29 -11.99 -8.62 -12.53
C GLY A 29 -10.83 -7.68 -12.29
N PHE A 30 -9.77 -7.92 -13.03
CA PHE A 30 -8.55 -7.08 -13.00
C PHE A 30 -8.50 -6.19 -14.24
N LEU A 31 -7.85 -5.04 -14.10
CA LEU A 31 -7.34 -4.30 -15.26
C LEU A 31 -5.83 -4.34 -15.20
N ASP A 32 -5.18 -4.50 -16.32
CA ASP A 32 -3.73 -4.71 -16.38
C ASP A 32 -3.26 -4.41 -17.80
N ASN A 33 -2.13 -3.74 -17.94
CA ASN A 33 -1.70 -3.29 -19.29
CA ASN A 33 -1.64 -3.28 -19.26
C ASN A 33 -0.82 -4.38 -19.96
N THR A 34 -0.58 -5.53 -19.31
CA THR A 34 0.37 -6.53 -19.86
C THR A 34 -0.28 -7.29 -21.00
N VAL A 35 0.34 -7.29 -22.18
CA VAL A 35 -0.27 -7.96 -23.36
C VAL A 35 -0.51 -9.44 -23.06
N GLU A 36 0.48 -10.10 -22.46
CA GLU A 36 0.49 -11.56 -22.19
C GLU A 36 -0.62 -11.92 -21.20
N LYS A 37 -1.13 -10.95 -20.43
CA LYS A 37 -2.18 -11.25 -19.42
C LYS A 37 -3.59 -11.05 -19.96
N GLN A 38 -3.75 -10.50 -21.15
CA GLN A 38 -5.12 -10.37 -21.71
C GLN A 38 -5.67 -11.80 -21.90
N GLY A 39 -6.93 -12.02 -21.51
CA GLY A 39 -7.61 -13.33 -21.64
C GLY A 39 -7.18 -14.32 -20.57
N THR A 40 -6.43 -13.88 -19.56
CA THR A 40 -5.98 -14.78 -18.47
C THR A 40 -6.81 -14.57 -17.22
N PHE A 41 -6.59 -15.44 -16.25
CA PHE A 41 -7.36 -15.51 -15.01
C PHE A 41 -6.40 -15.71 -13.83
N ILE A 42 -6.85 -15.27 -12.67
CA ILE A 42 -6.32 -15.74 -11.36
C ILE A 42 -7.49 -16.32 -10.55
N ARG A 43 -7.55 -17.64 -10.28
CA ARG A 43 -8.57 -18.28 -9.40
C ARG A 43 -9.99 -17.81 -9.78
N ASP A 44 -10.25 -17.95 -11.05
CA ASP A 44 -11.58 -17.78 -11.69
C ASP A 44 -11.90 -16.31 -11.91
N ILE A 45 -10.98 -15.39 -11.59
CA ILE A 45 -11.21 -13.94 -11.77
C ILE A 45 -10.47 -13.51 -13.02
N PRO A 46 -11.19 -12.94 -14.03
CA PRO A 46 -10.57 -12.58 -15.28
C PRO A 46 -9.83 -11.24 -15.27
N VAL A 47 -8.76 -11.19 -16.04
CA VAL A 47 -8.22 -9.91 -16.54
C VAL A 47 -9.19 -9.37 -17.59
N LEU A 48 -9.86 -8.27 -17.30
CA LEU A 48 -10.96 -7.75 -18.14
C LEU A 48 -10.39 -6.93 -19.30
N GLY A 49 -9.25 -6.30 -19.14
CA GLY A 49 -8.75 -5.36 -20.16
C GLY A 49 -7.72 -4.45 -19.54
N THR A 50 -7.37 -3.39 -20.27
CA THR A 50 -6.35 -2.43 -19.87
C THR A 50 -6.95 -1.32 -19.01
N LEU A 51 -6.10 -0.47 -18.45
CA LEU A 51 -6.56 0.51 -17.44
C LEU A 51 -7.50 1.53 -18.05
N ASP A 52 -7.43 1.77 -19.37
CA ASP A 52 -8.30 2.79 -20.00
C ASP A 52 -9.74 2.27 -20.05
N GLU A 53 -10.00 1.00 -19.71
CA GLU A 53 -11.38 0.45 -19.61
C GLU A 53 -12.01 0.84 -18.27
N CYS A 54 -11.30 1.54 -17.36
CA CYS A 54 -11.84 1.82 -16.00
CA CYS A 54 -11.84 1.86 -16.00
C CYS A 54 -13.19 2.57 -16.12
N SER A 55 -13.35 3.41 -17.14
CA SER A 55 -14.57 4.24 -17.32
C SER A 55 -15.81 3.36 -17.54
N LYS A 56 -15.64 2.09 -17.92
CA LYS A 56 -16.75 1.14 -18.16
C LYS A 56 -17.20 0.49 -16.85
N PHE A 57 -16.54 0.80 -15.73
CA PHE A 57 -16.79 0.13 -14.43
C PHE A 57 -16.98 1.17 -13.32
N THR A 58 -17.56 2.34 -13.59
CA THR A 58 -17.75 3.39 -12.54
C THR A 58 -18.72 2.92 -11.45
N ASP A 59 -19.48 1.85 -11.71
CA ASP A 59 -20.43 1.17 -10.77
C ASP A 59 -19.64 0.35 -9.73
N CYS A 60 -18.35 0.13 -9.96
CA CYS A 60 -17.49 -0.74 -9.11
C CYS A 60 -16.63 0.14 -8.21
N ASP A 61 -16.23 -0.41 -7.06
CA ASP A 61 -15.07 0.12 -6.30
C ASP A 61 -13.79 -0.35 -6.99
N PHE A 62 -12.75 0.47 -6.89
CA PHE A 62 -11.40 0.12 -7.38
C PHE A 62 -10.42 -0.03 -6.21
N VAL A 63 -9.38 -0.79 -6.48
CA VAL A 63 -8.17 -0.78 -5.61
C VAL A 63 -6.98 -0.91 -6.55
N ILE A 64 -5.89 -0.21 -6.25
CA ILE A 64 -4.69 -0.28 -7.11
C ILE A 64 -3.68 -1.24 -6.45
N ALA A 65 -3.76 -2.49 -6.82
CA ALA A 65 -2.99 -3.57 -6.17
C ALA A 65 -1.63 -3.70 -6.84
N ILE A 66 -0.81 -2.65 -6.73
CA ILE A 66 0.57 -2.60 -7.29
C ILE A 66 1.46 -2.06 -6.16
N GLY A 67 2.52 -2.80 -5.87
CA GLY A 67 3.37 -2.48 -4.71
C GLY A 67 4.07 -1.14 -4.82
N SER A 68 4.55 -0.77 -6.00
CA SER A 68 5.33 0.47 -6.21
C SER A 68 4.48 1.68 -5.84
N PRO A 69 4.89 2.50 -4.86
CA PRO A 69 4.13 3.71 -4.52
C PRO A 69 3.94 4.62 -5.74
N ARG A 70 5.01 4.85 -6.50
CA ARG A 70 4.95 5.77 -7.66
C ARG A 70 4.00 5.22 -8.72
N ALA A 71 3.90 3.89 -8.86
CA ALA A 71 2.94 3.30 -9.84
C ALA A 71 1.52 3.66 -9.43
N ARG A 72 1.19 3.57 -8.15
CA ARG A 72 -0.17 3.86 -7.71
C ARG A 72 -0.46 5.35 -7.92
N LYS A 73 0.48 6.21 -7.61
CA LYS A 73 0.26 7.66 -7.79
C LYS A 73 0.08 7.95 -9.28
N LYS A 74 0.95 7.44 -10.12
CA LYS A 74 0.86 7.66 -11.57
C LYS A 74 -0.52 7.23 -12.06
N ILE A 75 -0.98 6.04 -11.64
CA ILE A 75 -2.24 5.47 -12.16
C ILE A 75 -3.40 6.33 -11.69
N ILE A 76 -3.44 6.70 -10.42
CA ILE A 76 -4.54 7.53 -9.91
C ILE A 76 -4.53 8.84 -10.68
N GLU A 77 -3.39 9.46 -10.88
CA GLU A 77 -3.42 10.82 -11.46
C GLU A 77 -3.81 10.76 -12.94
N HIS A 78 -3.46 9.72 -13.66
CA HIS A 78 -3.80 9.63 -15.08
C HIS A 78 -5.24 9.14 -15.27
N PHE A 79 -5.63 8.07 -14.59
CA PHE A 79 -6.86 7.32 -14.94
C PHE A 79 -8.02 7.63 -14.01
N PHE A 80 -7.78 8.19 -12.84
CA PHE A 80 -8.81 8.34 -11.78
C PHE A 80 -8.94 9.78 -11.32
N PRO A 81 -9.46 10.68 -12.19
CA PRO A 81 -9.72 12.06 -11.77
C PRO A 81 -10.60 12.12 -10.51
N GLU A 82 -10.29 13.08 -9.65
CA GLU A 82 -10.97 13.27 -8.34
C GLU A 82 -12.48 13.27 -8.55
N GLY A 83 -13.20 12.43 -7.80
CA GLY A 83 -14.67 12.44 -7.71
C GLY A 83 -15.35 11.50 -8.69
N GLU A 84 -14.63 10.95 -9.67
CA GLU A 84 -15.25 10.17 -10.78
C GLU A 84 -15.40 8.70 -10.35
N PHE A 85 -14.57 8.23 -9.42
CA PHE A 85 -14.48 6.80 -9.05
C PHE A 85 -14.54 6.67 -7.53
N THR A 86 -14.96 5.50 -7.09
CA THR A 86 -14.90 5.11 -5.66
C THR A 86 -13.84 4.03 -5.48
N PHE A 87 -13.25 4.01 -4.29
CA PHE A 87 -12.16 3.06 -3.96
C PHE A 87 -12.56 2.28 -2.73
N ALA A 88 -12.25 1.00 -2.73
CA ALA A 88 -12.42 0.13 -1.56
C ALA A 88 -11.33 0.43 -0.53
N THR A 89 -11.61 0.08 0.70
CA THR A 89 -10.62 -0.08 1.78
C THR A 89 -10.77 -1.51 2.24
N LEU A 90 -9.73 -2.32 2.06
CA LEU A 90 -9.78 -3.76 2.35
C LEU A 90 -8.95 -4.03 3.59
N ILE A 91 -9.57 -4.59 4.61
CA ILE A 91 -8.88 -4.92 5.88
C ILE A 91 -9.07 -6.40 6.15
N ASP A 92 -7.99 -7.15 6.12
CA ASP A 92 -8.09 -8.62 6.29
C ASP A 92 -8.79 -8.92 7.61
N PRO A 93 -9.63 -9.96 7.68
CA PRO A 93 -10.25 -10.33 8.94
C PRO A 93 -9.24 -10.66 10.05
N THR A 94 -8.02 -11.05 9.70
CA THR A 94 -6.99 -11.38 10.73
C THR A 94 -6.10 -10.18 11.04
N ALA A 95 -6.32 -9.03 10.42
CA ALA A 95 -5.62 -7.79 10.82
C ALA A 95 -6.21 -7.33 12.14
N THR A 96 -5.38 -6.75 12.97
CA THR A 96 -5.82 -6.11 14.20
C THR A 96 -5.83 -4.60 13.98
N ILE A 97 -6.99 -3.99 14.11
CA ILE A 97 -7.17 -2.54 13.98
C ILE A 97 -7.64 -2.07 15.35
N GLY A 98 -6.81 -1.31 16.03
CA GLY A 98 -7.09 -0.89 17.41
C GLY A 98 -7.93 0.37 17.44
N GLU A 99 -7.58 1.31 18.30
CA GLU A 99 -8.43 2.47 18.62
C GLU A 99 -7.85 3.73 18.01
N ASN A 100 -8.75 4.61 17.55
CA ASN A 100 -8.38 5.89 16.91
C ASN A 100 -7.43 5.60 15.75
N ILE A 101 -7.84 4.66 14.91
CA ILE A 101 -7.13 4.35 13.63
C ILE A 101 -7.91 5.02 12.49
N HIS A 102 -7.24 5.85 11.71
CA HIS A 102 -7.91 6.50 10.57
CA HIS A 102 -7.84 6.60 10.58
C HIS A 102 -7.21 6.09 9.29
N ILE A 103 -7.97 5.52 8.38
CA ILE A 103 -7.45 4.92 7.13
C ILE A 103 -8.22 5.52 5.97
N GLU A 104 -7.54 6.13 5.02
CA GLU A 104 -8.23 6.71 3.84
C GLU A 104 -8.36 5.68 2.72
N GLU A 105 -9.18 6.02 1.73
CA GLU A 105 -9.70 5.02 0.78
CA GLU A 105 -9.70 5.19 0.62
C GLU A 105 -8.56 4.50 -0.11
N GLY A 106 -8.79 3.29 -0.62
CA GLY A 106 -7.84 2.63 -1.51
C GLY A 106 -6.82 1.82 -0.74
N THR A 107 -6.86 1.87 0.58
CA THR A 107 -5.84 1.22 1.43
C THR A 107 -6.12 -0.27 1.54
N MET A 108 -5.04 -1.04 1.58
CA MET A 108 -5.05 -2.49 1.79
C MET A 108 -4.29 -2.80 3.09
N ILE A 109 -4.99 -3.36 4.08
CA ILE A 109 -4.36 -3.86 5.33
C ILE A 109 -4.44 -5.38 5.29
N CYS A 110 -3.30 -6.03 5.16
CA CYS A 110 -3.26 -7.47 4.83
C CYS A 110 -3.22 -8.33 6.09
N ALA A 111 -3.27 -9.65 5.85
CA ALA A 111 -3.36 -10.68 6.89
C ALA A 111 -2.30 -10.44 7.96
N GLY A 112 -2.72 -10.43 9.23
CA GLY A 112 -1.80 -10.39 10.38
C GLY A 112 -1.25 -9.01 10.63
N GLY A 113 -1.60 -8.02 9.84
CA GLY A 113 -1.13 -6.65 10.12
C GLY A 113 -1.71 -6.16 11.42
N ILE A 114 -0.98 -5.29 12.11
CA ILE A 114 -1.42 -4.72 13.42
C ILE A 114 -1.21 -3.22 13.38
N LEU A 115 -2.30 -2.46 13.59
CA LEU A 115 -2.25 -1.00 13.78
C LEU A 115 -2.81 -0.74 15.16
N THR A 116 -2.01 -0.27 16.12
CA THR A 116 -2.41 -0.34 17.55
C THR A 116 -3.34 0.82 17.94
N VAL A 117 -2.79 2.02 18.11
CA VAL A 117 -3.58 3.19 18.57
C VAL A 117 -3.05 4.42 17.87
N ASP A 118 -3.95 5.34 17.56
CA ASP A 118 -3.55 6.69 17.09
C ASP A 118 -2.68 6.57 15.83
N VAL A 119 -3.08 5.72 14.91
CA VAL A 119 -2.38 5.55 13.62
C VAL A 119 -3.21 6.20 12.53
N LYS A 120 -2.57 6.90 11.62
CA LYS A 120 -3.27 7.58 10.52
C LYS A 120 -2.59 7.19 9.22
N LEU A 121 -3.40 6.72 8.25
CA LEU A 121 -2.94 6.38 6.90
C LEU A 121 -3.66 7.27 5.89
N GLY A 122 -2.90 7.70 4.91
CA GLY A 122 -3.48 8.36 3.73
C GLY A 122 -4.07 7.38 2.75
N LYS A 123 -4.34 7.87 1.55
CA LYS A 123 -5.03 7.09 0.51
C LYS A 123 -4.06 6.08 -0.12
N HIS A 124 -4.61 4.97 -0.59
CA HIS A 124 -3.86 3.98 -1.43
C HIS A 124 -2.59 3.52 -0.70
N CYS A 125 -2.67 3.30 0.61
CA CYS A 125 -1.56 2.67 1.35
C CYS A 125 -1.65 1.16 1.29
N ILE A 126 -0.51 0.52 1.53
CA ILE A 126 -0.43 -0.94 1.71
C ILE A 126 0.23 -1.16 3.05
N VAL A 127 -0.40 -1.94 3.92
CA VAL A 127 0.28 -2.56 5.09
C VAL A 127 0.25 -4.06 4.84
N ASN A 128 1.37 -4.62 4.46
CA ASN A 128 1.41 -6.02 4.01
C ASN A 128 1.50 -6.96 5.22
N THR A 129 1.60 -8.25 4.90
CA THR A 129 1.38 -9.37 5.83
C THR A 129 2.22 -9.22 7.10
N ASN A 130 1.57 -9.20 8.25
CA ASN A 130 2.28 -9.35 9.55
CA ASN A 130 2.23 -9.29 9.58
C ASN A 130 3.10 -8.08 9.86
N ALA A 131 2.91 -6.98 9.17
CA ALA A 131 3.60 -5.72 9.55
C ALA A 131 2.93 -5.11 10.79
N VAL A 132 3.69 -4.33 11.54
CA VAL A 132 3.19 -3.69 12.79
C VAL A 132 3.46 -2.19 12.71
N LEU A 133 2.41 -1.41 12.90
CA LEU A 133 2.45 0.05 13.07
C LEU A 133 1.97 0.36 14.48
N SER A 134 2.89 0.84 15.29
CA SER A 134 2.64 1.10 16.71
C SER A 134 2.14 2.53 16.92
N HIS A 135 1.97 2.91 18.20
CA HIS A 135 1.26 4.14 18.63
C HIS A 135 1.76 5.36 17.88
N GLY A 136 0.82 6.14 17.36
CA GLY A 136 1.14 7.49 16.85
C GLY A 136 1.78 7.49 15.47
N VAL A 137 1.89 6.34 14.81
CA VAL A 137 2.46 6.30 13.44
C VAL A 137 1.54 7.05 12.47
N ILE A 138 2.16 7.82 11.60
CA ILE A 138 1.42 8.52 10.52
CA ILE A 138 1.45 8.56 10.53
C ILE A 138 2.08 8.17 9.19
N LEU A 139 1.23 7.78 8.25
CA LEU A 139 1.59 7.53 6.83
C LEU A 139 0.86 8.56 5.96
N GLY A 140 1.58 9.08 5.00
CA GLY A 140 0.98 9.89 3.92
C GLY A 140 0.21 9.05 2.92
N ASP A 141 0.06 9.62 1.74
CA ASP A 141 -0.60 8.92 0.64
C ASP A 141 0.39 8.01 -0.08
N TYR A 142 -0.12 6.89 -0.60
CA TYR A 142 0.68 5.98 -1.46
C TYR A 142 1.89 5.43 -0.70
N VAL A 143 1.74 5.10 0.57
CA VAL A 143 2.85 4.47 1.32
C VAL A 143 2.71 2.95 1.17
N THR A 144 3.84 2.29 0.93
CA THR A 144 3.90 0.83 0.95
C THR A 144 4.70 0.35 2.14
N VAL A 145 4.09 -0.46 2.99
CA VAL A 145 4.79 -1.13 4.09
C VAL A 145 4.80 -2.62 3.77
N ALA A 146 5.96 -3.21 3.59
CA ALA A 146 6.10 -4.61 3.17
C ALA A 146 5.89 -5.56 4.32
N PRO A 147 5.81 -6.88 4.01
CA PRO A 147 5.58 -7.86 5.07
C PRO A 147 6.60 -7.74 6.20
N ASN A 148 6.12 -7.92 7.42
CA ASN A 148 6.95 -8.05 8.63
C ASN A 148 7.70 -6.75 8.96
N ALA A 149 7.40 -5.64 8.31
CA ALA A 149 8.03 -4.38 8.74
C ALA A 149 7.62 -4.06 10.17
N SER A 150 8.53 -3.45 10.90
CA SER A 150 8.39 -3.19 12.35
C SER A 150 8.52 -1.68 12.54
N ILE A 151 7.40 -0.99 12.54
CA ILE A 151 7.44 0.49 12.57
CA ILE A 151 7.35 0.51 12.53
C ILE A 151 7.06 0.96 13.97
N SER A 152 8.05 1.44 14.68
CA SER A 152 7.89 1.81 16.11
CA SER A 152 7.89 1.81 16.11
C SER A 152 7.02 3.06 16.28
N GLY A 153 6.77 3.42 17.54
CA GLY A 153 5.91 4.54 17.90
C GLY A 153 6.34 5.82 17.24
N ASP A 154 5.36 6.64 16.87
CA ASP A 154 5.58 8.08 16.54
C ASP A 154 6.48 8.24 15.32
N VAL A 155 6.54 7.22 14.46
CA VAL A 155 7.23 7.34 13.16
C VAL A 155 6.32 8.04 12.16
N SER A 156 6.90 8.93 11.38
CA SER A 156 6.19 9.65 10.31
CA SER A 156 6.14 9.60 10.30
CA SER A 156 6.17 9.63 10.31
C SER A 156 6.75 9.20 8.96
N LEU A 157 5.89 8.68 8.09
CA LEU A 157 6.27 8.27 6.73
C LEU A 157 5.57 9.20 5.75
N GLY A 158 6.33 9.91 4.95
CA GLY A 158 5.78 10.83 3.95
C GLY A 158 5.05 10.12 2.83
N ASN A 159 4.59 10.90 1.87
CA ASN A 159 3.92 10.38 0.68
C ASN A 159 4.92 9.54 -0.11
N ILE A 160 4.41 8.52 -0.81
CA ILE A 160 5.13 7.64 -1.77
C ILE A 160 6.40 7.06 -1.13
N VAL A 161 6.38 6.83 0.17
CA VAL A 161 7.44 6.09 0.88
C VAL A 161 7.21 4.58 0.75
N GLU A 162 8.30 3.85 0.66
CA GLU A 162 8.27 2.37 0.68
C GLU A 162 9.18 1.88 1.79
N ILE A 163 8.64 1.04 2.67
CA ILE A 163 9.40 0.37 3.74
C ILE A 163 9.49 -1.11 3.39
N GLY A 164 10.69 -1.61 3.15
CA GLY A 164 10.89 -2.99 2.70
C GLY A 164 10.68 -4.03 3.77
N ALA A 165 10.68 -5.28 3.35
CA ALA A 165 10.21 -6.40 4.18
C ALA A 165 11.12 -6.55 5.40
N ASN A 166 10.49 -6.69 6.57
CA ASN A 166 11.18 -7.01 7.83
C ASN A 166 12.19 -5.91 8.19
N ALA A 167 12.03 -4.70 7.66
CA ALA A 167 12.81 -3.54 8.12
C ALA A 167 12.29 -3.10 9.46
N THR A 168 13.10 -2.36 10.19
CA THR A 168 12.77 -1.89 11.56
C THR A 168 13.05 -0.39 11.62
N ILE A 169 12.07 0.38 12.08
CA ILE A 169 12.20 1.87 12.17
CA ILE A 169 12.22 1.86 12.18
C ILE A 169 12.09 2.26 13.64
N ARG A 170 13.12 2.93 14.14
CA ARG A 170 13.18 3.44 15.52
C ARG A 170 12.06 4.46 15.74
N GLU A 171 11.57 4.48 16.99
CA GLU A 171 10.53 5.45 17.37
C GLU A 171 10.97 6.87 17.04
N LYS A 172 10.02 7.68 16.62
CA LYS A 172 10.16 9.14 16.39
C LYS A 172 10.97 9.45 15.12
N VAL A 173 11.37 8.47 14.36
CA VAL A 173 12.03 8.73 13.04
C VAL A 173 11.03 9.34 12.06
N SER A 174 11.47 10.29 11.26
CA SER A 174 10.70 10.81 10.12
C SER A 174 11.38 10.38 8.83
N VAL A 175 10.56 9.99 7.87
CA VAL A 175 11.00 9.59 6.53
C VAL A 175 10.30 10.50 5.54
N GLN A 176 11.04 11.34 4.82
CA GLN A 176 10.45 12.33 3.90
CA GLN A 176 10.43 12.33 3.91
C GLN A 176 9.90 11.65 2.65
N ASP A 177 9.12 12.40 1.90
CA ASP A 177 8.39 11.90 0.71
C ASP A 177 9.37 11.18 -0.22
N GLY A 178 8.91 10.06 -0.77
CA GLY A 178 9.59 9.40 -1.89
C GLY A 178 10.77 8.53 -1.50
N ALA A 179 11.09 8.47 -0.22
CA ALA A 179 12.23 7.66 0.24
C ALA A 179 11.90 6.16 0.17
N MET A 180 12.93 5.34 0.22
CA MET A 180 12.72 3.89 0.26
C MET A 180 13.71 3.27 1.24
N VAL A 181 13.21 2.42 2.11
CA VAL A 181 14.01 1.67 3.09
C VAL A 181 14.13 0.24 2.60
N GLY A 182 15.36 -0.22 2.37
CA GLY A 182 15.57 -1.59 1.90
C GLY A 182 15.02 -2.61 2.87
N MET A 183 14.68 -3.76 2.33
CA MET A 183 14.32 -4.91 3.20
C MET A 183 15.40 -5.13 4.25
N GLY A 184 14.96 -5.43 5.47
CA GLY A 184 15.87 -5.79 6.56
C GLY A 184 16.60 -4.62 7.18
N SER A 185 16.40 -3.39 6.71
CA SER A 185 17.20 -2.26 7.20
C SER A 185 16.88 -2.00 8.67
N VAL A 186 17.83 -1.43 9.36
CA VAL A 186 17.65 -0.98 10.77
C VAL A 186 17.80 0.54 10.79
N VAL A 187 16.67 1.24 10.81
CA VAL A 187 16.61 2.70 10.58
C VAL A 187 16.60 3.41 11.91
N ILE A 188 17.69 4.13 12.21
CA ILE A 188 17.85 4.82 13.51
C ILE A 188 18.07 6.31 13.32
N ARG A 189 17.92 6.79 12.09
CA ARG A 189 18.12 8.22 11.75
C ARG A 189 17.01 8.65 10.79
N ASN A 190 16.68 9.93 10.81
CA ASN A 190 15.72 10.50 9.84
C ASN A 190 16.24 10.30 8.43
N ILE A 191 15.32 10.20 7.49
CA ILE A 191 15.61 9.96 6.06
C ILE A 191 15.04 11.13 5.26
N LEU A 192 15.83 11.64 4.34
CA LEU A 192 15.44 12.77 3.50
C LEU A 192 14.77 12.30 2.21
N SER A 193 14.14 13.26 1.55
CA SER A 193 13.28 12.99 0.38
C SER A 193 14.06 12.20 -0.67
N ASN A 194 13.42 11.15 -1.20
CA ASN A 194 13.89 10.36 -2.37
C ASN A 194 15.16 9.57 -2.05
N GLN A 195 15.57 9.47 -0.79
CA GLN A 195 16.76 8.67 -0.43
C GLN A 195 16.39 7.19 -0.37
N VAL A 196 17.27 6.34 -0.86
CA VAL A 196 17.21 4.88 -0.63
C VAL A 196 18.24 4.58 0.44
N VAL A 197 17.84 3.95 1.55
CA VAL A 197 18.78 3.56 2.62
C VAL A 197 18.69 2.04 2.78
N VAL A 198 19.79 1.41 3.12
CA VAL A 198 19.87 -0.05 3.29
C VAL A 198 20.82 -0.35 4.45
N GLY A 199 20.63 -1.50 5.08
CA GLY A 199 21.65 -2.07 5.94
C GLY A 199 21.35 -1.92 7.41
N ASN A 200 22.29 -2.39 8.20
CA ASN A 200 22.23 -2.35 9.68
C ASN A 200 23.52 -1.73 10.19
N PRO A 201 23.55 -0.46 10.62
CA PRO A 201 22.42 0.46 10.60
C PRO A 201 22.22 1.03 9.20
N ALA A 202 21.05 1.55 8.93
CA ALA A 202 20.72 1.98 7.56
C ALA A 202 21.61 3.15 7.17
N LYS A 203 22.08 3.10 5.93
CA LYS A 203 22.91 4.18 5.34
C LYS A 203 22.43 4.45 3.93
N LEU A 204 22.69 5.67 3.48
CA LEU A 204 22.31 6.10 2.14
C LEU A 204 22.97 5.23 1.10
N LEU A 205 22.20 4.66 0.19
CA LEU A 205 22.70 3.92 -0.98
C LEU A 205 22.69 4.82 -2.21
N LYS A 206 21.57 5.50 -2.48
CA LYS A 206 21.39 6.28 -3.73
CA LYS A 206 21.37 6.25 -3.74
C LYS A 206 20.10 7.08 -3.58
N VAL A 207 19.81 7.92 -4.57
CA VAL A 207 18.57 8.73 -4.60
C VAL A 207 17.74 8.24 -5.77
N ILE A 208 16.42 8.11 -5.56
CA ILE A 208 15.48 7.47 -6.52
C ILE A 208 15.12 8.49 -7.61
N GLU A 209 15.20 9.77 -7.27
CA GLU A 209 14.92 10.87 -8.25
C GLU A 209 16.14 11.80 -8.31
#